data_2IKK
#
_entry.id   2IKK
#
_cell.length_a   40.509
_cell.length_b   104.704
_cell.length_c   40.538
_cell.angle_alpha   90.00
_cell.angle_beta   118.58
_cell.angle_gamma   90.00
#
_symmetry.space_group_name_H-M   'P 1 21 1'
#
loop_
_entity.id
_entity.type
_entity.pdbx_description
1 polymer 'Hypothetical transcriptional regulator yurK'
2 non-polymer 'SULFATE ION'
3 water water
#
_entity_poly.entity_id   1
_entity_poly.type   'polypeptide(L)'
_entity_poly.pdbx_seq_one_letter_code
;(MSE)HHHHHHSSGVDLGTENLYFQSNASTGKKPKHHVLSHDIIPASKPIAEKLQIQPESPVVELKRILYNDDQPLTFEV
THYPLDLFPGIDTFIADGVS(MSE)HDILKQQYKVVPTHNTKLLNVVYAQQEESKYLDCDIGDALFEIDKTAFTSNDQPI
YCSLFL(MSE)HTNRVTFTINSPYT
;
_entity_poly.pdbx_strand_id   A,B
#
# COMPACT_ATOMS: atom_id res chain seq x y z
N GLY A 14 1.55 -2.47 14.24
CA GLY A 14 0.43 -2.03 13.37
C GLY A 14 -0.96 -2.43 13.89
N THR A 15 -1.67 -3.23 13.12
CA THR A 15 -3.01 -3.69 13.52
C THR A 15 -3.28 -5.17 13.17
N GLU A 16 -3.97 -5.43 12.05
CA GLU A 16 -3.88 -6.71 11.35
C GLU A 16 -3.14 -6.47 10.01
N ASN A 17 -2.40 -7.48 9.61
CA ASN A 17 -1.31 -7.32 8.66
C ASN A 17 -1.59 -7.97 7.30
N LEU A 18 -2.00 -7.17 6.32
CA LEU A 18 -2.13 -7.63 4.95
C LEU A 18 -0.80 -7.46 4.21
N TYR A 19 -0.24 -8.56 3.77
CA TYR A 19 1.03 -8.53 3.09
C TYR A 19 0.75 -8.27 1.64
N PHE A 20 1.35 -7.23 1.09
CA PHE A 20 1.31 -7.05 -0.35
C PHE A 20 2.48 -7.72 -1.04
N GLN A 21 2.26 -8.05 -2.32
CA GLN A 21 3.18 -8.83 -3.16
C GLN A 21 3.22 -10.30 -2.73
N HIS A 32 -14.43 -16.21 5.42
CA HIS A 32 -15.00 -15.93 4.11
C HIS A 32 -16.44 -16.40 3.95
N HIS A 33 -17.36 -15.44 3.93
CA HIS A 33 -18.77 -15.64 3.82
C HIS A 33 -19.25 -15.06 2.49
N VAL A 34 -20.10 -15.77 1.75
CA VAL A 34 -20.59 -15.26 0.46
C VAL A 34 -21.84 -14.50 0.72
N LEU A 35 -21.78 -13.24 0.35
CA LEU A 35 -22.90 -12.35 0.57
C LEU A 35 -23.90 -12.56 -0.52
N SER A 36 -23.44 -12.47 -1.79
CA SER A 36 -24.28 -12.56 -2.96
C SER A 36 -23.43 -12.82 -4.19
N HIS A 37 -24.13 -13.31 -5.20
CA HIS A 37 -23.61 -13.47 -6.50
C HIS A 37 -24.82 -13.24 -7.36
N ASP A 38 -24.64 -12.38 -8.33
CA ASP A 38 -25.65 -12.03 -9.28
C ASP A 38 -24.94 -11.99 -10.60
N ILE A 39 -25.68 -12.31 -11.66
CA ILE A 39 -25.21 -12.11 -13.02
C ILE A 39 -25.69 -10.77 -13.49
N ILE A 40 -24.76 -9.89 -13.85
CA ILE A 40 -25.13 -8.54 -14.27
C ILE A 40 -24.38 -8.11 -15.52
N PRO A 41 -24.89 -7.07 -16.21
CA PRO A 41 -24.09 -6.50 -17.30
C PRO A 41 -22.82 -5.79 -16.77
N ALA A 42 -21.69 -5.99 -17.45
CA ALA A 42 -20.45 -5.27 -17.11
C ALA A 42 -20.55 -3.75 -17.27
N SER A 43 -20.20 -3.03 -16.22
CA SER A 43 -20.09 -1.58 -16.29
C SER A 43 -18.93 -1.19 -17.19
N LYS A 44 -18.82 0.12 -17.51
CA LYS A 44 -17.68 0.58 -18.34
C LYS A 44 -16.33 0.24 -17.72
N PRO A 45 -16.11 0.62 -16.45
CA PRO A 45 -14.83 0.28 -15.84
C PRO A 45 -14.57 -1.20 -15.72
N ILE A 46 -15.59 -1.97 -15.44
CA ILE A 46 -15.37 -3.45 -15.35
C ILE A 46 -15.08 -3.99 -16.77
N ALA A 47 -15.86 -3.59 -17.76
CA ALA A 47 -15.54 -4.07 -19.12
C ALA A 47 -14.15 -3.65 -19.63
N GLU A 48 -13.71 -2.47 -19.24
CA GLU A 48 -12.38 -1.96 -19.58
C GLU A 48 -11.28 -2.80 -18.93
N LYS A 49 -11.44 -3.10 -17.66
CA LYS A 49 -10.47 -3.93 -16.95
C LYS A 49 -10.39 -5.37 -17.55
N LEU A 50 -11.56 -5.91 -17.86
CA LEU A 50 -11.62 -7.33 -18.31
C LEU A 50 -11.39 -7.50 -19.83
N GLN A 51 -11.33 -6.37 -20.51
CA GLN A 51 -11.15 -6.26 -21.97
C GLN A 51 -12.23 -7.13 -22.69
N ILE A 52 -13.47 -6.85 -22.34
CA ILE A 52 -14.64 -7.50 -22.94
C ILE A 52 -15.59 -6.45 -23.47
N GLN A 53 -16.57 -6.90 -24.24
CA GLN A 53 -17.61 -5.98 -24.81
C GLN A 53 -18.41 -5.20 -23.76
N PRO A 54 -18.87 -3.98 -24.16
CA PRO A 54 -19.72 -3.31 -23.17
C PRO A 54 -20.89 -4.22 -22.80
N GLU A 55 -21.36 -4.11 -21.56
CA GLU A 55 -22.52 -4.85 -21.03
C GLU A 55 -22.43 -6.37 -21.10
N SER A 56 -21.20 -6.88 -21.23
CA SER A 56 -21.04 -8.34 -21.19
C SER A 56 -21.47 -8.86 -19.85
N PRO A 57 -22.05 -10.08 -19.83
CA PRO A 57 -22.47 -10.71 -18.57
C PRO A 57 -21.30 -11.03 -17.68
N VAL A 58 -21.39 -10.56 -16.44
CA VAL A 58 -20.35 -10.92 -15.48
C VAL A 58 -20.97 -11.44 -14.21
N VAL A 59 -20.29 -12.30 -13.50
CA VAL A 59 -20.79 -12.73 -12.21
C VAL A 59 -20.21 -11.75 -11.18
N GLU A 60 -21.06 -11.08 -10.39
CA GLU A 60 -20.59 -10.14 -9.32
C GLU A 60 -20.62 -10.85 -8.00
N LEU A 61 -19.47 -11.27 -7.51
CA LEU A 61 -19.41 -12.06 -6.34
C LEU A 61 -19.03 -11.12 -5.22
N LYS A 62 -19.87 -11.07 -4.20
CA LYS A 62 -19.58 -10.28 -2.96
C LYS A 62 -19.31 -11.20 -1.75
N ARG A 63 -18.17 -10.97 -1.12
CA ARG A 63 -17.82 -11.76 0.03
C ARG A 63 -17.27 -10.89 1.15
N ILE A 64 -17.38 -11.37 2.38
CA ILE A 64 -16.75 -10.68 3.52
C ILE A 64 -15.77 -11.62 4.12
N LEU A 65 -14.56 -11.11 4.40
CA LEU A 65 -13.63 -11.86 5.20
C LEU A 65 -13.56 -11.25 6.62
N TYR A 66 -13.68 -12.09 7.64
CA TYR A 66 -13.79 -11.62 9.03
C TYR A 66 -12.44 -11.88 9.76
N ASN A 67 -12.03 -10.96 10.63
CA ASN A 67 -10.82 -11.16 11.44
C ASN A 67 -11.23 -12.16 12.52
N ASP A 68 -11.91 -11.69 13.56
CA ASP A 68 -12.65 -12.65 14.38
C ASP A 68 -14.13 -12.56 14.06
N ASP A 69 -14.82 -11.68 14.77
CA ASP A 69 -16.17 -11.29 14.48
C ASP A 69 -16.11 -9.92 13.82
N GLN A 70 -14.89 -9.41 13.65
CA GLN A 70 -14.64 -8.11 13.03
C GLN A 70 -14.50 -8.25 11.50
N PRO A 71 -15.33 -7.49 10.73
CA PRO A 71 -15.23 -7.54 9.26
C PRO A 71 -13.89 -6.98 8.87
N LEU A 72 -13.09 -7.74 8.12
CA LEU A 72 -11.76 -7.23 7.78
C LEU A 72 -11.66 -6.81 6.30
N THR A 73 -12.32 -7.57 5.42
CA THR A 73 -12.30 -7.21 3.98
C THR A 73 -13.64 -7.48 3.39
N PHE A 74 -14.16 -6.48 2.70
CA PHE A 74 -15.35 -6.63 1.88
C PHE A 74 -14.86 -6.68 0.40
N GLU A 75 -15.12 -7.80 -0.24
CA GLU A 75 -14.56 -8.08 -1.57
C GLU A 75 -15.71 -8.04 -2.59
N VAL A 76 -15.48 -7.37 -3.72
CA VAL A 76 -16.47 -7.49 -4.80
C VAL A 76 -15.58 -7.92 -6.01
N THR A 77 -15.81 -9.11 -6.56
CA THR A 77 -15.01 -9.59 -7.71
C THR A 77 -15.94 -9.90 -8.91
N HIS A 78 -15.44 -9.64 -10.11
CA HIS A 78 -16.29 -9.86 -11.31
C HIS A 78 -15.55 -10.86 -12.19
N TYR A 79 -16.32 -11.85 -12.63
CA TYR A 79 -15.81 -12.91 -13.51
C TYR A 79 -16.59 -12.83 -14.80
N PRO A 80 -15.90 -12.80 -15.92
CA PRO A 80 -16.61 -12.73 -17.18
C PRO A 80 -17.19 -14.11 -17.52
N LEU A 81 -18.51 -14.15 -17.75
CA LEU A 81 -19.19 -15.40 -18.01
C LEU A 81 -18.84 -15.98 -19.40
N ASP A 82 -18.40 -15.11 -20.28
CA ASP A 82 -18.00 -15.58 -21.60
C ASP A 82 -16.70 -16.41 -21.56
N LEU A 83 -15.84 -16.17 -20.57
CA LEU A 83 -14.61 -16.93 -20.46
C LEU A 83 -14.83 -18.15 -19.57
N PHE A 84 -15.70 -17.97 -18.57
CA PHE A 84 -15.97 -18.95 -17.52
C PHE A 84 -17.44 -19.31 -17.49
N PRO A 85 -17.92 -19.93 -18.58
CA PRO A 85 -19.36 -20.16 -18.61
C PRO A 85 -19.86 -21.03 -17.38
N GLY A 86 -20.98 -20.62 -16.77
CA GLY A 86 -21.53 -21.32 -15.62
C GLY A 86 -20.77 -21.20 -14.31
N ILE A 87 -19.84 -20.23 -14.20
CA ILE A 87 -18.94 -20.18 -13.00
C ILE A 87 -19.75 -19.83 -11.73
N ASP A 88 -20.84 -19.12 -11.89
CA ASP A 88 -21.73 -18.86 -10.74
C ASP A 88 -22.25 -20.11 -10.02
N THR A 89 -22.35 -21.22 -10.77
CA THR A 89 -22.94 -22.44 -10.23
C THR A 89 -22.00 -23.11 -9.21
N PHE A 90 -20.71 -22.70 -9.19
CA PHE A 90 -19.74 -23.23 -8.24
C PHE A 90 -19.63 -22.43 -6.95
N ILE A 91 -20.32 -21.29 -6.88
CA ILE A 91 -20.12 -20.33 -5.78
C ILE A 91 -20.88 -20.82 -4.53
N ALA A 92 -20.16 -20.95 -3.42
CA ALA A 92 -20.77 -21.30 -2.13
C ALA A 92 -19.83 -20.88 -1.01
N ASP A 93 -20.33 -20.73 0.20
CA ASP A 93 -19.39 -20.52 1.33
C ASP A 93 -18.27 -21.54 1.36
N GLY A 94 -17.04 -21.07 1.59
CA GLY A 94 -15.88 -21.98 1.77
C GLY A 94 -15.18 -22.34 0.44
N VAL A 95 -15.76 -21.93 -0.68
CA VAL A 95 -15.23 -22.38 -1.95
C VAL A 95 -14.03 -21.50 -2.29
N SER A 96 -12.95 -22.14 -2.75
CA SER A 96 -11.83 -21.43 -3.25
C SER A 96 -12.07 -21.16 -4.75
N HIS A 98 -10.05 -19.83 -6.71
CA HIS A 98 -8.85 -20.22 -7.45
C HIS A 98 -8.86 -21.69 -7.78
N ASP A 99 -9.35 -22.49 -6.83
CA ASP A 99 -9.61 -23.92 -7.09
C ASP A 99 -10.60 -24.21 -8.22
N ILE A 100 -11.69 -23.43 -8.29
CA ILE A 100 -12.72 -23.55 -9.33
C ILE A 100 -12.08 -23.21 -10.66
N LEU A 101 -11.37 -22.11 -10.73
CA LEU A 101 -10.74 -21.72 -11.99
C LEU A 101 -9.80 -22.81 -12.48
N LYS A 102 -8.97 -23.30 -11.60
CA LYS A 102 -8.03 -24.38 -11.90
C LYS A 102 -8.68 -25.70 -12.31
N GLN A 103 -9.55 -26.24 -11.47
CA GLN A 103 -10.18 -27.54 -11.84
C GLN A 103 -11.25 -27.47 -12.93
N GLN A 104 -12.08 -26.43 -12.92
CA GLN A 104 -13.19 -26.40 -13.85
C GLN A 104 -12.76 -25.85 -15.20
N TYR A 105 -11.85 -24.86 -15.16
CA TYR A 105 -11.50 -24.15 -16.39
C TYR A 105 -10.05 -24.29 -16.86
N LYS A 106 -9.23 -25.04 -16.12
CA LYS A 106 -7.78 -25.19 -16.36
C LYS A 106 -7.07 -23.80 -16.45
N VAL A 107 -7.51 -22.85 -15.62
CA VAL A 107 -6.89 -21.55 -15.61
C VAL A 107 -6.20 -21.30 -14.29
N VAL A 108 -4.96 -20.82 -14.38
CA VAL A 108 -4.20 -20.37 -13.21
C VAL A 108 -3.67 -18.95 -13.48
N PRO A 109 -3.87 -17.99 -12.51
CA PRO A 109 -3.29 -16.68 -12.71
C PRO A 109 -1.76 -16.74 -12.67
N THR A 110 -1.12 -15.94 -13.51
CA THR A 110 0.32 -15.88 -13.62
C THR A 110 0.85 -14.58 -13.03
N HIS A 111 -0.04 -13.57 -12.89
CA HIS A 111 0.34 -12.27 -12.34
C HIS A 111 -0.90 -11.41 -12.15
N ASN A 112 -0.69 -10.30 -11.44
CA ASN A 112 -1.78 -9.34 -11.14
C ASN A 112 -1.26 -7.93 -11.01
N THR A 113 -2.14 -6.97 -11.21
CA THR A 113 -1.84 -5.55 -11.06
C THR A 113 -2.70 -5.14 -9.90
N LYS A 114 -2.19 -4.26 -9.04
CA LYS A 114 -2.96 -3.84 -7.90
C LYS A 114 -2.79 -2.34 -7.75
N LEU A 115 -3.88 -1.61 -7.48
CA LEU A 115 -3.76 -0.19 -7.15
C LEU A 115 -4.32 -0.02 -5.75
N LEU A 116 -3.68 0.83 -4.94
CA LEU A 116 -4.18 1.10 -3.60
C LEU A 116 -4.54 2.60 -3.48
N ASN A 117 -5.74 2.89 -3.01
CA ASN A 117 -6.20 4.24 -2.79
C ASN A 117 -6.97 4.22 -1.47
N VAL A 118 -7.29 5.41 -1.01
CA VAL A 118 -8.36 5.60 -0.01
C VAL A 118 -9.64 6.03 -0.70
N VAL A 119 -10.77 5.40 -0.27
CA VAL A 119 -12.13 5.80 -0.67
C VAL A 119 -12.96 5.97 0.62
N TYR A 120 -14.26 6.24 0.48
CA TYR A 120 -15.07 6.66 1.63
C TYR A 120 -16.34 5.86 1.57
N ALA A 121 -16.62 5.18 2.68
CA ALA A 121 -17.77 4.27 2.87
C ALA A 121 -19.08 4.90 2.50
N GLN A 122 -19.85 4.17 1.70
CA GLN A 122 -21.23 4.52 1.48
C GLN A 122 -22.11 3.51 2.18
N GLN A 123 -23.43 3.60 1.97
CA GLN A 123 -24.34 2.74 2.74
C GLN A 123 -23.96 1.25 2.75
N GLU A 124 -23.65 0.68 1.59
CA GLU A 124 -23.37 -0.74 1.49
C GLU A 124 -22.10 -1.18 2.27
N GLU A 125 -21.06 -0.37 2.18
CA GLU A 125 -19.81 -0.68 2.89
C GLU A 125 -19.99 -0.56 4.39
N SER A 126 -20.71 0.48 4.79
CA SER A 126 -20.94 0.77 6.20
C SER A 126 -21.66 -0.46 6.80
N LYS A 127 -22.64 -1.01 6.09
CA LYS A 127 -23.28 -2.24 6.59
C LYS A 127 -22.33 -3.42 6.71
N TYR A 128 -21.62 -3.78 5.66
CA TYR A 128 -20.84 -5.01 5.64
C TYR A 128 -19.56 -4.93 6.46
N LEU A 129 -18.97 -3.73 6.52
CA LEU A 129 -17.76 -3.50 7.31
C LEU A 129 -18.05 -2.93 8.71
N ASP A 130 -19.32 -2.79 9.03
CA ASP A 130 -19.70 -2.39 10.36
C ASP A 130 -18.94 -1.12 10.71
N CYS A 131 -19.14 -0.06 9.94
CA CYS A 131 -18.47 1.20 10.26
C CYS A 131 -19.47 2.26 9.92
N ASP A 132 -19.09 3.52 10.03
CA ASP A 132 -19.97 4.62 9.71
C ASP A 132 -19.91 5.00 8.23
N ILE A 133 -21.01 5.51 7.68
CA ILE A 133 -20.98 6.14 6.38
C ILE A 133 -19.95 7.25 6.39
N GLY A 134 -19.12 7.29 5.35
CA GLY A 134 -18.11 8.32 5.26
C GLY A 134 -16.74 7.89 5.77
N ASP A 135 -16.64 6.77 6.49
CA ASP A 135 -15.31 6.37 7.04
C ASP A 135 -14.36 6.08 5.89
N ALA A 136 -13.09 6.38 6.13
CA ALA A 136 -12.01 6.14 5.17
C ALA A 136 -11.80 4.65 5.10
N LEU A 137 -11.67 4.14 3.88
CA LEU A 137 -11.38 2.74 3.65
C LEU A 137 -10.19 2.69 2.68
N PHE A 138 -9.33 1.69 2.85
CA PHE A 138 -8.36 1.37 1.80
C PHE A 138 -9.14 0.64 0.74
N GLU A 139 -8.83 0.94 -0.50
CA GLU A 139 -9.37 0.16 -1.60
C GLU A 139 -8.24 -0.43 -2.42
N ILE A 140 -8.19 -1.76 -2.54
CA ILE A 140 -7.23 -2.39 -3.39
C ILE A 140 -7.97 -2.84 -4.65
N ASP A 141 -7.51 -2.30 -5.80
CA ASP A 141 -8.15 -2.57 -7.10
C ASP A 141 -7.21 -3.54 -7.81
N LYS A 142 -7.67 -4.78 -7.95
CA LYS A 142 -6.84 -5.89 -8.49
C LYS A 142 -7.36 -6.42 -9.83
N THR A 143 -6.46 -6.53 -10.81
CA THR A 143 -6.83 -7.31 -12.02
C THR A 143 -5.84 -8.52 -12.07
N ALA A 144 -6.42 -9.72 -12.23
CA ALA A 144 -5.60 -10.96 -12.27
C ALA A 144 -5.57 -11.31 -13.73
N PHE A 145 -4.46 -11.93 -14.13
CA PHE A 145 -4.16 -12.26 -15.55
C PHE A 145 -3.62 -13.70 -15.62
N THR A 146 -3.81 -14.31 -16.75
CA THR A 146 -3.19 -15.60 -17.03
C THR A 146 -2.24 -15.44 -18.21
N SER A 147 -1.78 -16.57 -18.78
CA SER A 147 -0.99 -16.57 -19.99
C SER A 147 -1.52 -15.60 -21.04
N ASN A 148 -0.56 -14.98 -21.71
CA ASN A 148 -0.78 -14.12 -22.82
C ASN A 148 -1.25 -12.77 -22.30
N ASP A 149 -1.00 -12.46 -21.03
CA ASP A 149 -1.50 -11.20 -20.44
C ASP A 149 -3.03 -11.08 -20.55
N GLN A 150 -3.70 -12.20 -20.48
CA GLN A 150 -5.15 -12.24 -20.63
C GLN A 150 -5.85 -11.95 -19.25
N PRO A 151 -6.58 -10.83 -19.14
CA PRO A 151 -7.29 -10.62 -17.83
C PRO A 151 -8.37 -11.72 -17.59
N ILE A 152 -8.48 -12.19 -16.35
CA ILE A 152 -9.39 -13.28 -15.99
C ILE A 152 -10.44 -12.92 -14.95
N TYR A 153 -10.09 -12.03 -14.04
CA TYR A 153 -11.10 -11.49 -13.15
C TYR A 153 -10.61 -10.18 -12.52
N CYS A 154 -11.54 -9.40 -11.94
CA CYS A 154 -11.02 -8.21 -11.25
C CYS A 154 -11.69 -8.11 -9.89
N SER A 155 -11.03 -7.49 -8.91
CA SER A 155 -11.53 -7.54 -7.53
C SER A 155 -11.35 -6.16 -6.97
N LEU A 156 -12.24 -5.75 -6.08
CA LEU A 156 -12.04 -4.54 -5.32
C LEU A 156 -12.22 -5.02 -3.89
N PHE A 157 -11.18 -4.84 -3.12
CA PHE A 157 -11.16 -5.16 -1.69
C PHE A 157 -11.21 -3.85 -0.91
N LEU A 158 -12.14 -3.76 0.06
CA LEU A 158 -12.31 -2.57 0.93
C LEU A 158 -12.00 -2.98 2.36
N HIS A 160 -11.35 -1.20 6.39
CA HIS A 160 -11.37 0.04 7.18
C HIS A 160 -9.96 0.47 7.50
N THR A 161 -9.66 1.78 7.41
CA THR A 161 -8.29 2.17 7.64
C THR A 161 -7.77 1.98 9.03
N ASN A 162 -8.64 1.91 10.04
CA ASN A 162 -8.13 1.71 11.43
C ASN A 162 -7.75 0.24 11.61
N ARG A 163 -8.14 -0.65 10.72
CA ARG A 163 -8.06 -2.06 11.07
C ARG A 163 -6.93 -2.84 10.44
N VAL A 164 -6.21 -2.23 9.51
CA VAL A 164 -5.11 -2.93 8.81
C VAL A 164 -3.89 -2.04 8.61
N THR A 165 -2.76 -2.73 8.53
CA THR A 165 -1.45 -2.23 8.07
C THR A 165 -0.97 -3.15 6.94
N PHE A 166 -0.39 -2.59 5.88
CA PHE A 166 0.11 -3.39 4.77
C PHE A 166 1.59 -3.52 4.92
N THR A 167 2.13 -4.68 4.54
CA THR A 167 3.61 -4.83 4.51
C THR A 167 4.02 -5.09 3.05
N ILE A 168 5.11 -4.46 2.66
CA ILE A 168 5.74 -4.70 1.35
C ILE A 168 7.19 -4.97 1.72
N ASN A 169 7.71 -6.15 1.43
CA ASN A 169 9.17 -6.33 1.59
C ASN A 169 9.83 -7.13 0.49
N THR B 15 -4.96 10.15 -7.42
CA THR B 15 -4.48 9.82 -8.80
C THR B 15 -3.20 10.60 -9.14
N GLU B 16 -2.10 10.09 -8.60
CA GLU B 16 -0.74 10.17 -9.16
C GLU B 16 0.07 9.06 -8.47
N ASN B 17 0.68 8.19 -9.29
CA ASN B 17 1.08 6.85 -8.85
C ASN B 17 2.49 6.69 -8.30
N LEU B 18 2.59 6.33 -7.03
CA LEU B 18 3.85 5.84 -6.45
C LEU B 18 3.92 4.32 -6.53
N TYR B 19 5.08 3.80 -6.90
CA TYR B 19 5.27 2.36 -6.91
C TYR B 19 5.46 1.73 -5.53
N PHE B 20 5.21 0.42 -5.44
CA PHE B 20 5.58 -0.38 -4.30
C PHE B 20 6.21 -1.71 -4.73
N HIS B 32 13.56 17.96 -4.69
CA HIS B 32 13.99 17.56 -3.34
C HIS B 32 14.62 18.68 -2.49
N HIS B 33 13.85 19.24 -1.56
CA HIS B 33 14.31 20.28 -0.69
C HIS B 33 14.70 19.69 0.67
N VAL B 34 15.93 19.98 1.12
CA VAL B 34 16.30 19.67 2.49
C VAL B 34 15.74 20.74 3.41
N LEU B 35 14.88 20.32 4.34
CA LEU B 35 14.35 21.17 5.42
C LEU B 35 15.33 21.37 6.52
N SER B 36 15.88 20.27 7.04
CA SER B 36 16.73 20.35 8.17
C SER B 36 17.45 19.04 8.30
N HIS B 37 18.44 19.07 9.16
CA HIS B 37 19.17 17.89 9.55
C HIS B 37 19.73 18.36 10.85
N ASP B 38 19.49 17.57 11.87
CA ASP B 38 19.98 17.81 13.23
C ASP B 38 20.48 16.48 13.69
N ILE B 39 21.51 16.51 14.55
CA ILE B 39 21.98 15.30 15.21
C ILE B 39 21.34 15.22 16.51
N ILE B 40 20.66 14.08 16.73
CA ILE B 40 19.84 13.93 17.93
C ILE B 40 20.02 12.53 18.50
N PRO B 41 19.71 12.37 19.78
CA PRO B 41 19.70 11.00 20.29
C PRO B 41 18.58 10.15 19.68
N ALA B 42 18.83 8.87 19.44
CA ALA B 42 17.85 7.93 18.86
C ALA B 42 16.73 7.64 19.85
N SER B 43 15.47 7.80 19.43
CA SER B 43 14.30 7.44 20.26
C SER B 43 14.22 5.96 20.36
N LYS B 44 13.35 5.43 21.23
CA LYS B 44 13.22 3.98 21.35
C LYS B 44 12.88 3.33 20.00
N PRO B 45 11.86 3.85 19.28
CA PRO B 45 11.56 3.14 18.05
C PRO B 45 12.63 3.29 16.99
N ILE B 46 13.32 4.42 16.95
CA ILE B 46 14.43 4.52 16.00
C ILE B 46 15.61 3.55 16.38
N ALA B 47 15.93 3.50 17.64
CA ALA B 47 17.05 2.63 18.05
C ALA B 47 16.66 1.16 17.83
N GLU B 48 15.37 0.88 17.95
CA GLU B 48 14.91 -0.48 17.75
C GLU B 48 15.00 -0.88 16.27
N LYS B 49 14.60 0.00 15.35
CA LYS B 49 14.64 -0.29 13.91
C LYS B 49 16.12 -0.40 13.43
N LEU B 50 16.98 0.44 13.98
CA LEU B 50 18.37 0.54 13.44
C LEU B 50 19.30 -0.43 14.19
N GLN B 51 18.76 -1.15 15.17
CA GLN B 51 19.51 -2.11 16.03
C GLN B 51 20.77 -1.45 16.66
N ILE B 52 20.57 -0.33 17.34
CA ILE B 52 21.69 0.43 17.96
C ILE B 52 21.39 0.72 19.40
N GLN B 53 22.37 1.16 20.18
CA GLN B 53 22.12 1.46 21.62
C GLN B 53 21.06 2.56 21.86
N PRO B 54 20.43 2.53 23.04
CA PRO B 54 19.52 3.60 23.43
C PRO B 54 20.23 4.91 23.32
N GLU B 55 19.54 5.95 22.85
CA GLU B 55 20.09 7.30 22.77
C GLU B 55 21.30 7.51 21.84
N SER B 56 21.55 6.53 20.95
CA SER B 56 22.67 6.69 19.99
C SER B 56 22.49 7.88 19.10
N PRO B 57 23.60 8.53 18.73
CA PRO B 57 23.52 9.71 17.88
C PRO B 57 23.03 9.31 16.52
N VAL B 58 21.99 10.01 16.01
CA VAL B 58 21.55 9.77 14.63
C VAL B 58 21.36 11.08 13.92
N VAL B 59 21.57 11.10 12.60
CA VAL B 59 21.25 12.26 11.80
C VAL B 59 19.77 12.19 11.42
N GLU B 60 19.01 13.23 11.78
CA GLU B 60 17.55 13.32 11.42
C GLU B 60 17.38 14.25 10.24
N LEU B 61 17.18 13.66 9.06
CA LEU B 61 17.16 14.39 7.85
C LEU B 61 15.69 14.53 7.51
N LYS B 62 15.24 15.79 7.45
CA LYS B 62 13.88 16.14 6.85
C LYS B 62 13.92 16.78 5.47
N ARG B 63 13.17 16.18 4.54
CA ARG B 63 13.14 16.61 3.17
C ARG B 63 11.71 16.66 2.71
N ILE B 64 11.45 17.60 1.80
CA ILE B 64 10.14 17.67 1.15
C ILE B 64 10.35 17.35 -0.32
N LEU B 65 9.63 16.37 -0.83
CA LEU B 65 9.56 16.15 -2.27
C LEU B 65 8.31 16.79 -2.88
N TYR B 66 8.47 17.62 -3.91
CA TYR B 66 7.34 18.31 -4.54
C TYR B 66 7.07 17.72 -5.92
N ASN B 67 5.85 17.88 -6.38
CA ASN B 67 5.49 17.42 -7.70
C ASN B 67 4.10 17.91 -7.78
N ASP B 68 3.87 19.20 -8.06
CA ASP B 68 4.82 20.13 -8.71
C ASP B 68 5.37 21.25 -7.79
N ASP B 69 4.55 22.29 -7.53
CA ASP B 69 4.72 23.14 -6.35
C ASP B 69 3.74 22.65 -5.29
N GLN B 70 3.16 21.50 -5.57
CA GLN B 70 2.38 20.80 -4.59
C GLN B 70 3.31 19.84 -3.81
N PRO B 71 3.33 19.97 -2.46
CA PRO B 71 4.12 19.01 -1.62
C PRO B 71 3.64 17.60 -1.84
N LEU B 72 4.52 16.68 -2.22
CA LEU B 72 4.03 15.35 -2.47
C LEU B 72 4.43 14.36 -1.34
N THR B 73 5.69 14.42 -0.94
CA THR B 73 6.15 13.54 0.16
C THR B 73 6.97 14.33 1.15
N PHE B 74 6.67 14.13 2.41
CA PHE B 74 7.44 14.72 3.51
C PHE B 74 8.21 13.60 4.15
N GLU B 75 9.53 13.66 4.05
CA GLU B 75 10.38 12.50 4.42
C GLU B 75 11.16 12.81 5.67
N VAL B 76 11.23 11.88 6.61
CA VAL B 76 12.08 12.09 7.81
C VAL B 76 12.90 10.75 7.85
N THR B 77 14.22 10.86 7.66
CA THR B 77 15.04 9.67 7.60
C THR B 77 16.10 9.78 8.74
N HIS B 78 16.51 8.64 9.34
CA HIS B 78 17.54 8.71 10.40
C HIS B 78 18.65 7.81 9.98
N TYR B 79 19.87 8.34 10.09
CA TYR B 79 21.13 7.62 9.77
C TYR B 79 21.93 7.49 11.06
N PRO B 80 22.39 6.28 11.40
CA PRO B 80 23.14 6.09 12.62
C PRO B 80 24.55 6.68 12.41
N LEU B 81 24.91 7.67 13.18
CA LEU B 81 26.24 8.30 13.05
C LEU B 81 27.39 7.31 13.40
N ASP B 82 27.11 6.34 14.25
CA ASP B 82 28.15 5.34 14.55
C ASP B 82 28.51 4.46 13.35
N LEU B 83 27.57 4.24 12.41
CA LEU B 83 27.85 3.48 11.19
C LEU B 83 28.47 4.34 10.07
N PHE B 84 28.02 5.59 9.98
CA PHE B 84 28.32 6.58 8.90
C PHE B 84 28.82 7.83 9.57
N PRO B 85 30.01 7.74 10.21
CA PRO B 85 30.47 8.93 10.90
C PRO B 85 30.64 10.16 9.98
N GLY B 86 30.20 11.34 10.44
CA GLY B 86 30.31 12.53 9.56
C GLY B 86 29.28 12.68 8.42
N ILE B 87 28.32 11.75 8.33
CA ILE B 87 27.41 11.73 7.20
C ILE B 87 26.56 13.03 7.10
N ASP B 88 26.34 13.68 8.21
CA ASP B 88 25.60 14.98 8.19
C ASP B 88 26.31 16.02 7.32
N THR B 89 27.62 15.97 7.28
CA THR B 89 28.36 17.02 6.60
C THR B 89 28.14 17.01 5.09
N PHE B 90 27.64 15.90 4.56
CA PHE B 90 27.40 15.78 3.12
C PHE B 90 26.04 16.29 2.70
N ILE B 91 25.20 16.60 3.67
CA ILE B 91 23.79 16.85 3.40
C ILE B 91 23.65 18.25 2.79
N ALA B 92 22.91 18.32 1.67
CA ALA B 92 22.54 19.63 1.09
C ALA B 92 21.50 19.44 0.03
N ASP B 93 20.91 20.54 -0.40
CA ASP B 93 19.95 20.44 -1.50
C ASP B 93 20.54 19.72 -2.73
N GLY B 94 19.83 18.74 -3.24
CA GLY B 94 20.22 18.07 -4.49
C GLY B 94 21.18 16.92 -4.35
N VAL B 95 21.55 16.61 -3.09
CA VAL B 95 22.54 15.59 -2.79
C VAL B 95 21.77 14.26 -2.76
N SER B 96 22.32 13.26 -3.44
CA SER B 96 21.80 11.92 -3.42
C SER B 96 22.43 11.18 -2.23
N HIS B 98 21.92 8.11 -1.34
CA HIS B 98 22.37 6.80 -1.81
C HIS B 98 23.77 6.90 -2.41
N ASP B 99 24.06 7.99 -3.16
CA ASP B 99 25.39 8.15 -3.69
C ASP B 99 26.43 8.37 -2.60
N ILE B 100 26.11 9.17 -1.60
CA ILE B 100 26.97 9.40 -0.43
C ILE B 100 27.29 8.04 0.22
N LEU B 101 26.25 7.25 0.50
CA LEU B 101 26.46 5.92 1.18
C LEU B 101 27.44 5.07 0.36
N LYS B 102 27.25 5.03 -0.93
CA LYS B 102 28.07 4.23 -1.84
C LYS B 102 29.51 4.74 -1.96
N GLN B 103 29.65 6.05 -2.22
CA GLN B 103 30.96 6.63 -2.58
C GLN B 103 31.76 6.78 -1.31
N GLN B 104 31.13 7.30 -0.26
CA GLN B 104 31.84 7.61 0.97
C GLN B 104 32.02 6.44 1.95
N TYR B 105 31.07 5.49 1.95
CA TYR B 105 31.04 4.49 3.03
C TYR B 105 30.99 3.08 2.48
N LYS B 106 30.95 2.97 1.15
CA LYS B 106 30.98 1.70 0.40
C LYS B 106 29.77 0.82 0.72
N VAL B 107 28.65 1.46 0.98
CA VAL B 107 27.45 0.72 1.38
C VAL B 107 26.41 0.88 0.28
N VAL B 108 25.80 -0.23 -0.11
CA VAL B 108 24.69 -0.19 -1.04
C VAL B 108 23.58 -1.03 -0.41
N PRO B 109 22.34 -0.50 -0.35
CA PRO B 109 21.29 -1.33 0.25
C PRO B 109 20.96 -2.54 -0.64
N THR B 110 20.64 -3.65 -0.02
CA THR B 110 20.32 -4.83 -0.78
C THR B 110 18.86 -5.18 -0.71
N HIS B 111 18.17 -4.71 0.33
CA HIS B 111 16.73 -4.95 0.45
C HIS B 111 16.16 -3.93 1.44
N ASN B 112 14.84 -3.83 1.44
CA ASN B 112 14.12 -2.92 2.38
C ASN B 112 12.79 -3.52 2.78
N THR B 113 12.33 -3.12 3.96
CA THR B 113 11.13 -3.64 4.58
C THR B 113 10.22 -2.40 4.63
N LYS B 114 8.97 -2.51 4.17
CA LYS B 114 8.13 -1.31 4.22
C LYS B 114 6.77 -1.63 4.83
N LEU B 115 6.26 -0.74 5.70
CA LEU B 115 4.88 -0.89 6.25
C LEU B 115 4.09 0.30 5.78
N LEU B 116 2.81 0.09 5.47
CA LEU B 116 1.96 1.21 5.04
C LEU B 116 0.74 1.32 5.97
N ASN B 117 0.55 2.50 6.56
CA ASN B 117 -0.59 2.79 7.45
C ASN B 117 -1.18 4.16 7.05
N VAL B 118 -2.31 4.50 7.65
CA VAL B 118 -2.76 5.91 7.62
C VAL B 118 -2.53 6.48 9.03
N VAL B 119 -2.03 7.70 9.08
CA VAL B 119 -1.83 8.49 10.29
C VAL B 119 -2.50 9.86 10.02
N TYR B 120 -2.45 10.75 11.01
CA TYR B 120 -3.26 11.98 10.95
C TYR B 120 -2.32 13.15 11.19
N ALA B 121 -2.31 14.08 10.24
CA ALA B 121 -1.40 15.29 10.28
C ALA B 121 -1.48 16.06 11.60
N GLN B 122 -0.30 16.39 12.09
CA GLN B 122 -0.10 17.27 13.22
C GLN B 122 0.45 18.61 12.72
N GLN B 123 0.79 19.50 13.64
CA GLN B 123 1.23 20.85 13.19
C GLN B 123 2.33 20.80 12.13
N GLU B 124 3.36 20.02 12.38
CA GLU B 124 4.50 19.98 11.48
C GLU B 124 4.13 19.48 10.07
N GLU B 125 3.36 18.40 10.02
CA GLU B 125 2.97 17.79 8.69
C GLU B 125 2.04 18.74 7.96
N SER B 126 1.17 19.40 8.71
CA SER B 126 0.26 20.29 8.03
C SER B 126 1.01 21.49 7.39
N LYS B 127 2.05 21.96 8.06
CA LYS B 127 2.88 23.01 7.48
C LYS B 127 3.56 22.59 6.21
N TYR B 128 4.31 21.50 6.28
CA TYR B 128 5.15 21.13 5.18
C TYR B 128 4.38 20.46 4.03
N LEU B 129 3.25 19.79 4.35
CA LEU B 129 2.44 19.21 3.29
C LEU B 129 1.32 20.14 2.82
N ASP B 130 1.25 21.32 3.43
CA ASP B 130 0.23 22.30 3.06
C ASP B 130 -1.17 21.64 3.16
N CYS B 131 -1.53 21.15 4.32
CA CYS B 131 -2.85 20.53 4.45
C CYS B 131 -3.34 21.01 5.78
N ASP B 132 -4.47 20.50 6.27
CA ASP B 132 -5.06 20.87 7.59
C ASP B 132 -4.58 19.89 8.65
N ILE B 133 -4.41 20.37 9.87
CA ILE B 133 -4.23 19.48 10.99
C ILE B 133 -5.40 18.47 11.01
N GLY B 134 -5.06 17.20 11.25
CA GLY B 134 -6.06 16.17 11.36
C GLY B 134 -6.24 15.45 10.01
N ASP B 135 -5.71 15.97 8.90
CA ASP B 135 -5.92 15.31 7.59
C ASP B 135 -5.26 13.93 7.59
N ALA B 136 -5.91 12.95 6.88
CA ALA B 136 -5.40 11.59 6.75
C ALA B 136 -4.17 11.62 5.82
N LEU B 137 -3.08 10.91 6.20
CA LEU B 137 -1.87 10.84 5.40
C LEU B 137 -1.52 9.38 5.33
N PHE B 138 -0.98 8.97 4.20
CA PHE B 138 -0.35 7.61 4.11
C PHE B 138 0.98 7.82 4.78
N GLU B 139 1.35 6.82 5.57
CA GLU B 139 2.71 6.75 6.14
C GLU B 139 3.38 5.46 5.63
N ILE B 140 4.50 5.60 4.92
CA ILE B 140 5.33 4.45 4.59
C ILE B 140 6.52 4.43 5.53
N ASP B 141 6.66 3.32 6.31
CA ASP B 141 7.73 3.20 7.31
C ASP B 141 8.69 2.21 6.66
N LYS B 142 9.90 2.68 6.29
CA LYS B 142 10.81 1.88 5.50
C LYS B 142 12.11 1.66 6.33
N THR B 143 12.60 0.43 6.36
CA THR B 143 13.96 0.20 6.92
C THR B 143 14.77 -0.42 5.75
N ALA B 144 15.97 0.13 5.48
CA ALA B 144 16.81 -0.30 4.36
C ALA B 144 17.92 -1.10 5.03
N PHE B 145 18.38 -2.12 4.33
CA PHE B 145 19.37 -3.06 4.87
C PHE B 145 20.48 -3.26 3.87
N THR B 146 21.63 -3.62 4.39
CA THR B 146 22.70 -4.05 3.50
C THR B 146 23.04 -5.50 3.81
N SER B 147 24.17 -5.98 3.27
CA SER B 147 24.70 -7.32 3.54
C SER B 147 24.49 -7.80 4.95
N ASN B 148 24.15 -9.08 5.03
CA ASN B 148 23.85 -9.80 6.24
C ASN B 148 22.75 -9.21 7.09
N ASP B 149 21.68 -8.74 6.44
CA ASP B 149 20.54 -8.16 7.16
C ASP B 149 20.86 -7.03 8.19
N GLN B 150 21.80 -6.19 7.89
CA GLN B 150 22.22 -5.09 8.75
C GLN B 150 21.38 -3.80 8.40
N PRO B 151 20.62 -3.28 9.35
CA PRO B 151 19.88 -2.04 8.97
C PRO B 151 20.85 -0.87 8.83
N ILE B 152 20.63 -0.05 7.80
CA ILE B 152 21.48 1.11 7.51
C ILE B 152 20.80 2.44 7.72
N TYR B 153 19.49 2.51 7.51
CA TYR B 153 18.78 3.81 7.77
C TYR B 153 17.30 3.51 7.85
N CYS B 154 16.53 4.38 8.51
CA CYS B 154 15.07 4.19 8.43
C CYS B 154 14.38 5.47 7.95
N SER B 155 13.27 5.37 7.23
CA SER B 155 12.64 6.57 6.70
C SER B 155 11.16 6.45 6.99
N LEU B 156 10.53 7.61 7.19
CA LEU B 156 9.08 7.63 7.27
C LEU B 156 8.69 8.69 6.24
N PHE B 157 7.86 8.28 5.30
CA PHE B 157 7.45 9.14 4.19
C PHE B 157 5.96 9.39 4.46
N LEU B 158 5.55 10.68 4.47
CA LEU B 158 4.13 11.01 4.63
C LEU B 158 3.60 11.70 3.39
N HIS B 160 -0.25 13.10 1.60
CA HIS B 160 -1.69 13.30 1.75
C HIS B 160 -2.53 12.27 0.99
N THR B 161 -3.61 11.75 1.61
CA THR B 161 -4.27 10.61 0.95
C THR B 161 -5.04 11.02 -0.35
N ASN B 162 -5.42 12.29 -0.48
CA ASN B 162 -6.06 12.76 -1.72
C ASN B 162 -5.05 12.84 -2.88
N ARG B 163 -3.76 12.87 -2.61
CA ARG B 163 -2.79 13.19 -3.67
C ARG B 163 -2.05 12.04 -4.33
N VAL B 164 -2.17 10.82 -3.82
CA VAL B 164 -1.42 9.68 -4.36
C VAL B 164 -2.22 8.42 -4.45
N THR B 165 -1.83 7.59 -5.42
CA THR B 165 -2.34 6.19 -5.57
C THR B 165 -1.12 5.32 -5.58
N PHE B 166 -1.17 4.16 -4.96
CA PHE B 166 0.01 3.28 -5.01
C PHE B 166 -0.22 2.19 -6.03
N THR B 167 0.82 1.84 -6.79
CA THR B 167 0.76 0.71 -7.75
C THR B 167 1.59 -0.44 -7.21
N ILE B 168 1.03 -1.65 -7.22
CA ILE B 168 1.78 -2.85 -6.80
C ILE B 168 1.58 -3.90 -7.89
N ASN B 169 2.69 -4.33 -8.47
CA ASN B 169 2.60 -5.28 -9.58
C ASN B 169 3.10 -6.69 -9.25
N SER B 170 2.26 -7.49 -8.59
CA SER B 170 2.53 -8.91 -8.37
C SER B 170 2.11 -9.68 -9.63
#